data_1WMG
#
_entry.id   1WMG
#
_cell.length_a   124.878
_cell.length_b   47.207
_cell.length_c   121.177
_cell.angle_alpha   90.00
_cell.angle_beta   119.56
_cell.angle_gamma   90.00
#
_symmetry.space_group_name_H-M   'C 1 2 1'
#
loop_
_entity.id
_entity.type
_entity.pdbx_description
1 polymer 'netrin receptor Unc5h2'
2 non-polymer 'SULFITE ION'
3 non-polymer 'SULFATE ION'
4 water water
#
_entity_poly.entity_id   1
_entity_poly.type   'polypeptide(L)'
_entity_poly.pdbx_seq_one_letter_code
;GSSGSSGYAFKIPLSIRQKICSSLDAPNSRGNDWRLLAQKLS(MSE)DRYLNYFATKASPTGVILDLWEARQQDDGDLNS
LASALEE(MSE)GKSE(MSE)LVA(MSE)ATDGSGPSSG
;
_entity_poly.pdbx_strand_id   A,B,C,D,E,F
#
loop_
_chem_comp.id
_chem_comp.type
_chem_comp.name
_chem_comp.formula
SO3 non-polymer 'SULFITE ION' 'O3 S -2'
SO4 non-polymer 'SULFATE ION' 'O4 S -2'
#
# COMPACT_ATOMS: atom_id res chain seq x y z
N TYR A 8 -0.67 -9.40 -9.58
CA TYR A 8 -1.47 -10.66 -9.70
C TYR A 8 -0.77 -11.68 -10.57
N ALA A 9 -0.63 -12.89 -10.04
CA ALA A 9 0.01 -14.02 -10.73
C ALA A 9 -0.65 -15.26 -10.17
N PHE A 10 -1.04 -15.15 -8.90
CA PHE A 10 -1.70 -16.23 -8.21
C PHE A 10 -2.91 -15.67 -7.47
N LYS A 11 -4.07 -16.30 -7.68
CA LYS A 11 -5.30 -15.89 -7.02
C LYS A 11 -5.61 -16.89 -5.89
N ILE A 12 -5.95 -16.38 -4.72
CA ILE A 12 -6.29 -17.24 -3.61
C ILE A 12 -7.62 -17.90 -3.94
N PRO A 13 -7.72 -19.22 -3.80
CA PRO A 13 -9.03 -19.78 -4.12
C PRO A 13 -10.15 -19.21 -3.26
N LEU A 14 -11.31 -19.00 -3.88
CA LEU A 14 -12.45 -18.42 -3.19
C LEU A 14 -12.84 -19.09 -1.87
N SER A 15 -12.95 -20.41 -1.87
CA SER A 15 -13.30 -21.12 -0.65
C SER A 15 -12.33 -20.80 0.49
N ILE A 16 -11.04 -20.73 0.16
CA ILE A 16 -10.00 -20.43 1.15
C ILE A 16 -10.07 -18.95 1.54
N ARG A 17 -10.27 -18.07 0.56
CA ARG A 17 -10.38 -16.65 0.85
C ARG A 17 -11.54 -16.42 1.82
N GLN A 18 -12.65 -17.10 1.59
CA GLN A 18 -13.84 -16.96 2.44
C GLN A 18 -13.56 -17.35 3.89
N LYS A 19 -12.87 -18.46 4.09
CA LYS A 19 -12.58 -18.88 5.45
C LYS A 19 -11.51 -18.01 6.10
N ILE A 20 -10.58 -17.49 5.32
CA ILE A 20 -9.55 -16.64 5.91
C ILE A 20 -10.21 -15.37 6.41
N CYS A 21 -11.07 -14.79 5.58
CA CYS A 21 -11.77 -13.55 5.95
C CYS A 21 -12.72 -13.80 7.13
N SER A 22 -13.45 -14.91 7.10
CA SER A 22 -14.39 -15.21 8.19
C SER A 22 -13.62 -15.21 9.50
N SER A 23 -12.45 -15.82 9.49
CA SER A 23 -11.63 -15.88 10.69
C SER A 23 -11.01 -14.56 11.09
N LEU A 24 -10.28 -13.92 10.17
CA LEU A 24 -9.60 -12.67 10.54
C LEU A 24 -10.46 -11.44 10.71
N ASP A 25 -11.63 -11.41 10.09
CA ASP A 25 -12.54 -10.26 10.24
C ASP A 25 -13.30 -10.35 11.57
N ALA A 26 -13.36 -11.54 12.15
CA ALA A 26 -14.13 -11.72 13.38
C ALA A 26 -13.66 -10.97 14.62
N PRO A 27 -14.58 -10.23 15.25
CA PRO A 27 -14.19 -9.50 16.46
C PRO A 27 -13.73 -10.46 17.57
N ASN A 28 -14.21 -11.70 17.54
CA ASN A 28 -13.80 -12.72 18.52
C ASN A 28 -12.33 -13.16 18.29
N SER A 29 -11.73 -12.68 17.18
CA SER A 29 -10.35 -13.04 16.81
C SER A 29 -9.35 -11.95 17.19
N ARG A 30 -9.78 -10.99 18.00
CA ARG A 30 -8.90 -9.89 18.40
C ARG A 30 -7.60 -10.46 18.96
N GLY A 31 -6.47 -9.91 18.49
CA GLY A 31 -5.17 -10.37 18.94
C GLY A 31 -4.59 -11.36 17.94
N ASN A 32 -5.44 -11.79 17.00
CA ASN A 32 -5.04 -12.75 15.98
C ASN A 32 -5.90 -12.57 14.75
N ASP A 33 -6.14 -11.31 14.36
CA ASP A 33 -7.01 -10.99 13.23
C ASP A 33 -6.35 -10.21 12.10
N TRP A 34 -7.18 -9.54 11.30
CA TRP A 34 -6.69 -8.76 10.15
C TRP A 34 -5.61 -7.75 10.51
N ARG A 35 -5.68 -7.20 11.72
CA ARG A 35 -4.69 -6.22 12.15
C ARG A 35 -3.30 -6.84 12.23
N LEU A 36 -3.22 -8.06 12.79
CA LEU A 36 -1.93 -8.74 12.89
C LEU A 36 -1.49 -9.14 11.49
N LEU A 37 -2.43 -9.62 10.69
CA LEU A 37 -2.10 -10.01 9.32
C LEU A 37 -1.49 -8.83 8.55
N ALA A 38 -2.08 -7.64 8.71
CA ALA A 38 -1.59 -6.45 8.01
C ALA A 38 -0.15 -6.13 8.43
N GLN A 39 0.10 -6.22 9.73
CA GLN A 39 1.44 -5.97 10.25
C GLN A 39 2.41 -7.00 9.70
N LYS A 40 2.01 -8.27 9.64
CA LYS A 40 2.88 -9.33 9.14
C LYS A 40 3.10 -9.25 7.64
N LEU A 41 2.23 -8.52 6.94
CA LEU A 41 2.39 -8.37 5.52
C LEU A 41 2.96 -6.99 5.19
N SER A 42 3.45 -6.30 6.22
CA SER A 42 4.01 -4.98 6.06
C SER A 42 3.02 -4.00 5.42
N MSE A 43 1.81 -3.94 5.95
CA MSE A 43 0.76 -3.05 5.45
C MSE A 43 0.09 -2.30 6.58
O MSE A 43 -0.94 -1.66 6.38
CB MSE A 43 -0.33 -3.85 4.75
CG MSE A 43 0.05 -4.54 3.49
SE MSE A 43 -1.52 -5.42 2.83
CE MSE A 43 -0.66 -6.72 1.72
N ASP A 44 0.66 -2.38 7.78
CA ASP A 44 0.06 -1.72 8.94
C ASP A 44 -0.03 -0.21 8.79
N ARG A 45 0.67 0.34 7.80
CA ARG A 45 0.63 1.78 7.56
C ARG A 45 -0.77 2.19 7.11
N TYR A 46 -1.52 1.24 6.57
CA TYR A 46 -2.85 1.50 6.06
C TYR A 46 -4.00 0.85 6.84
N LEU A 47 -3.75 0.53 8.11
CA LEU A 47 -4.76 -0.11 8.95
C LEU A 47 -6.10 0.61 8.89
N ASN A 48 -6.06 1.93 9.00
CA ASN A 48 -7.27 2.73 8.98
C ASN A 48 -8.08 2.58 7.71
N TYR A 49 -7.42 2.27 6.61
CA TYR A 49 -8.11 2.09 5.35
C TYR A 49 -8.83 0.74 5.38
N PHE A 50 -8.18 -0.27 5.92
CA PHE A 50 -8.79 -1.60 5.98
C PHE A 50 -10.01 -1.63 6.90
N ALA A 51 -9.96 -0.86 7.99
CA ALA A 51 -11.06 -0.80 8.94
C ALA A 51 -12.37 -0.28 8.32
N THR A 52 -12.26 0.55 7.29
CA THR A 52 -13.46 1.10 6.63
C THR A 52 -14.15 0.08 5.74
N LYS A 53 -13.48 -1.03 5.45
CA LYS A 53 -14.08 -2.04 4.58
C LYS A 53 -14.98 -3.07 5.28
N ALA A 54 -16.01 -3.51 4.56
CA ALA A 54 -16.93 -4.52 5.09
C ALA A 54 -16.07 -5.68 5.52
N SER A 55 -15.10 -6.03 4.67
CA SER A 55 -14.16 -7.11 4.97
C SER A 55 -12.72 -6.59 4.90
N PRO A 56 -12.16 -6.18 6.05
CA PRO A 56 -10.79 -5.67 6.17
C PRO A 56 -9.77 -6.71 5.67
N THR A 57 -10.07 -8.00 5.91
CA THR A 57 -9.16 -9.04 5.49
C THR A 57 -9.25 -9.26 3.99
N GLY A 58 -10.46 -9.14 3.45
CA GLY A 58 -10.64 -9.30 2.02
C GLY A 58 -9.81 -8.29 1.22
N VAL A 59 -9.74 -7.05 1.71
CA VAL A 59 -8.98 -6.02 1.02
C VAL A 59 -7.47 -6.26 1.18
N ILE A 60 -7.05 -6.64 2.38
CA ILE A 60 -5.64 -6.91 2.62
C ILE A 60 -5.16 -7.99 1.66
N LEU A 61 -5.98 -9.01 1.45
CA LEU A 61 -5.64 -10.10 0.53
C LEU A 61 -5.65 -9.68 -0.94
N ASP A 62 -6.49 -8.71 -1.29
CA ASP A 62 -6.54 -8.20 -2.66
C ASP A 62 -5.23 -7.47 -2.93
N LEU A 63 -4.78 -6.68 -1.96
CA LEU A 63 -3.54 -5.96 -2.09
C LEU A 63 -2.39 -6.95 -2.20
N TRP A 64 -2.42 -7.97 -1.34
CA TRP A 64 -1.37 -8.98 -1.35
C TRP A 64 -1.29 -9.63 -2.73
N GLU A 65 -2.43 -10.03 -3.26
CA GLU A 65 -2.48 -10.68 -4.57
C GLU A 65 -1.94 -9.75 -5.65
N ALA A 66 -2.05 -8.45 -5.43
CA ALA A 66 -1.59 -7.47 -6.40
C ALA A 66 -0.07 -7.43 -6.43
N ARG A 67 0.56 -7.54 -5.27
CA ARG A 67 2.01 -7.53 -5.20
C ARG A 67 2.59 -8.80 -5.83
N GLN A 68 1.72 -9.80 -6.02
CA GLN A 68 2.14 -11.07 -6.60
C GLN A 68 2.89 -10.96 -7.92
N GLN A 69 4.22 -10.81 -7.83
CA GLN A 69 5.08 -10.70 -9.00
C GLN A 69 5.29 -12.09 -9.59
N ASP A 70 6.00 -12.93 -8.84
CA ASP A 70 6.29 -14.30 -9.26
C ASP A 70 6.55 -15.15 -8.02
N ASP A 71 6.45 -16.47 -8.17
CA ASP A 71 6.67 -17.40 -7.08
C ASP A 71 7.79 -16.89 -6.18
N GLY A 72 7.49 -16.73 -4.89
CA GLY A 72 8.48 -16.23 -3.96
C GLY A 72 7.86 -15.19 -3.04
N ASP A 73 6.93 -14.41 -3.59
CA ASP A 73 6.25 -13.39 -2.80
C ASP A 73 5.16 -14.08 -1.99
N LEU A 74 4.77 -15.28 -2.44
CA LEU A 74 3.73 -16.07 -1.80
C LEU A 74 4.18 -16.59 -0.42
N ASN A 75 5.46 -16.43 -0.14
CA ASN A 75 6.02 -16.88 1.13
C ASN A 75 5.59 -16.01 2.32
N SER A 76 5.50 -14.71 2.12
CA SER A 76 5.11 -13.79 3.19
C SER A 76 3.76 -14.19 3.78
N LEU A 77 2.81 -14.53 2.92
CA LEU A 77 1.50 -14.92 3.37
C LEU A 77 1.52 -16.26 4.08
N ALA A 78 2.05 -17.28 3.43
CA ALA A 78 2.12 -18.61 4.01
C ALA A 78 2.74 -18.52 5.40
N SER A 79 3.83 -17.77 5.49
CA SER A 79 4.50 -17.59 6.75
C SER A 79 3.51 -16.97 7.75
N ALA A 80 2.75 -15.97 7.28
CA ALA A 80 1.77 -15.29 8.12
C ALA A 80 0.72 -16.25 8.68
N LEU A 81 0.10 -17.05 7.82
CA LEU A 81 -0.92 -18.01 8.27
C LEU A 81 -0.35 -18.99 9.29
N GLU A 82 0.84 -19.53 9.01
CA GLU A 82 1.49 -20.48 9.91
C GLU A 82 1.68 -19.87 11.30
N GLU A 83 2.20 -18.64 11.33
CA GLU A 83 2.42 -17.95 12.60
C GLU A 83 1.13 -17.56 13.31
N MSE A 84 0.01 -17.61 12.60
CA MSE A 84 -1.26 -17.26 13.21
C MSE A 84 -2.10 -18.49 13.57
O MSE A 84 -3.26 -18.37 14.00
CB MSE A 84 -2.03 -16.31 12.29
CG MSE A 84 -1.37 -14.93 12.22
SE MSE A 84 -2.18 -13.72 10.92
CE MSE A 84 -3.83 -13.31 11.93
N GLY A 85 -1.50 -19.66 13.38
CA GLY A 85 -2.15 -20.92 13.67
C GLY A 85 -3.18 -21.31 12.65
N LYS A 86 -3.06 -20.76 11.45
CA LYS A 86 -4.01 -21.06 10.38
C LYS A 86 -3.48 -22.00 9.30
N SER A 87 -2.48 -22.81 9.63
CA SER A 87 -1.89 -23.75 8.67
C SER A 87 -2.92 -24.53 7.86
N GLU A 88 -4.01 -24.93 8.51
CA GLU A 88 -5.08 -25.64 7.84
C GLU A 88 -5.41 -24.95 6.50
N MSE A 89 -5.39 -23.62 6.52
CA MSE A 89 -5.68 -22.81 5.35
C MSE A 89 -4.67 -23.04 4.25
O MSE A 89 -5.05 -23.34 3.10
CB MSE A 89 -5.70 -21.31 5.74
CG MSE A 89 -6.88 -20.94 6.64
SE MSE A 89 -8.36 -21.29 5.45
CE MSE A 89 -8.72 -23.14 5.87
N LEU A 90 -3.39 -22.92 4.58
CA LEU A 90 -2.34 -23.11 3.59
C LEU A 90 -2.30 -24.54 3.05
N VAL A 91 -2.74 -25.49 3.86
CA VAL A 91 -2.76 -26.88 3.41
C VAL A 91 -3.74 -26.98 2.25
N ALA A 92 -4.73 -26.11 2.26
CA ALA A 92 -5.75 -26.10 1.21
C ALA A 92 -5.24 -25.45 -0.09
N MSE A 93 -4.30 -24.52 0.03
CA MSE A 93 -3.77 -23.83 -1.15
C MSE A 93 -2.76 -24.68 -1.93
O MSE A 93 -2.58 -24.49 -3.13
CB MSE A 93 -3.10 -22.53 -0.73
CG MSE A 93 -4.03 -21.54 -0.10
SE MSE A 93 -3.17 -19.86 0.22
CE MSE A 93 -2.52 -20.15 2.01
N ALA A 94 -2.11 -25.61 -1.24
CA ALA A 94 -1.15 -26.49 -1.87
C ALA A 94 -1.91 -27.64 -2.53
N THR A 95 -3.17 -27.81 -2.11
CA THR A 95 -4.03 -28.86 -2.63
C THR A 95 -4.81 -28.40 -3.85
N ASP A 96 -4.91 -27.08 -4.04
CA ASP A 96 -5.64 -26.53 -5.16
C ASP A 96 -4.81 -25.53 -5.94
N GLY A 97 -5.17 -25.31 -7.20
CA GLY A 97 -4.45 -24.37 -8.03
C GLY A 97 -4.42 -23.00 -7.39
N ALA B 9 -5.90 9.89 10.82
CA ALA B 9 -7.07 10.14 9.92
C ALA B 9 -7.19 11.62 9.54
N PHE B 10 -7.87 11.87 8.43
CA PHE B 10 -8.09 13.23 7.89
C PHE B 10 -8.92 13.02 6.62
N LYS B 11 -9.43 14.10 6.04
CA LYS B 11 -10.24 13.95 4.82
C LYS B 11 -10.21 15.08 3.82
N ILE B 12 -9.98 14.71 2.56
CA ILE B 12 -9.93 15.68 1.45
C ILE B 12 -11.35 16.09 1.11
N PRO B 13 -11.60 17.40 0.93
CA PRO B 13 -12.96 17.85 0.59
C PRO B 13 -13.44 17.13 -0.68
N LEU B 14 -14.73 16.81 -0.69
CA LEU B 14 -15.33 16.08 -1.80
C LEU B 14 -15.22 16.78 -3.16
N SER B 15 -15.34 18.10 -3.22
CA SER B 15 -15.23 18.79 -4.51
C SER B 15 -13.80 18.71 -5.06
N ILE B 16 -12.82 18.66 -4.15
CA ILE B 16 -11.41 18.58 -4.51
C ILE B 16 -11.11 17.15 -4.94
N ARG B 17 -11.51 16.20 -4.12
CA ARG B 17 -11.34 14.80 -4.42
C ARG B 17 -11.92 14.51 -5.81
N GLN B 18 -13.06 15.13 -6.10
CA GLN B 18 -13.72 14.91 -7.38
C GLN B 18 -12.88 15.42 -8.57
N LYS B 19 -12.28 16.60 -8.43
CA LYS B 19 -11.46 17.14 -9.50
C LYS B 19 -10.18 16.32 -9.67
N ILE B 20 -9.61 15.87 -8.57
CA ILE B 20 -8.41 15.06 -8.66
C ILE B 20 -8.70 13.76 -9.43
N CYS B 21 -9.68 13.00 -8.97
CA CYS B 21 -10.05 11.73 -9.60
C CYS B 21 -10.44 11.88 -11.05
N SER B 22 -11.23 12.90 -11.35
CA SER B 22 -11.67 13.11 -12.73
C SER B 22 -10.45 13.28 -13.64
N SER B 23 -9.52 14.12 -13.23
CA SER B 23 -8.32 14.35 -14.02
C SER B 23 -7.42 13.10 -14.10
N LEU B 24 -6.97 12.60 -12.94
CA LEU B 24 -6.03 11.47 -12.92
C LEU B 24 -6.51 10.09 -13.37
N ASP B 25 -7.82 9.84 -13.34
CA ASP B 25 -8.37 8.55 -13.79
C ASP B 25 -8.53 8.55 -15.31
N ALA B 26 -8.53 9.72 -15.91
CA ALA B 26 -8.75 9.81 -17.35
C ALA B 26 -7.68 9.18 -18.24
N PRO B 27 -8.08 8.38 -19.24
CA PRO B 27 -7.05 7.80 -20.09
C PRO B 27 -6.34 8.86 -20.94
N ASN B 28 -6.98 10.00 -21.17
CA ASN B 28 -6.34 11.08 -21.94
C ASN B 28 -5.26 11.76 -21.09
N SER B 29 -5.16 11.35 -19.82
CA SER B 29 -4.18 11.92 -18.90
C SER B 29 -2.91 11.04 -18.77
N ARG B 30 -2.83 10.00 -19.58
CA ARG B 30 -1.70 9.10 -19.55
C ARG B 30 -0.38 9.86 -19.58
N GLY B 31 0.47 9.59 -18.59
CA GLY B 31 1.74 10.27 -18.50
C GLY B 31 1.71 11.26 -17.36
N ASN B 32 0.49 11.60 -16.90
CA ASN B 32 0.29 12.54 -15.82
C ASN B 32 -1.04 12.16 -15.14
N ASP B 33 -1.15 10.86 -14.83
CA ASP B 33 -2.35 10.27 -14.24
C ASP B 33 -2.11 9.59 -12.88
N TRP B 34 -3.06 8.74 -12.50
CA TRP B 34 -2.97 8.03 -11.21
C TRP B 34 -1.66 7.28 -11.00
N ARG B 35 -1.11 6.72 -12.09
CA ARG B 35 0.14 5.97 -12.02
C ARG B 35 1.25 6.85 -11.48
N LEU B 36 1.36 8.08 -11.98
CA LEU B 36 2.39 9.02 -11.52
C LEU B 36 2.15 9.40 -10.08
N LEU B 37 0.89 9.67 -9.75
CA LEU B 37 0.56 10.05 -8.38
C LEU B 37 0.90 8.90 -7.42
N ALA B 38 0.56 7.68 -7.81
CA ALA B 38 0.84 6.52 -6.97
C ALA B 38 2.35 6.45 -6.72
N GLN B 39 3.14 6.63 -7.78
CA GLN B 39 4.59 6.59 -7.61
C GLN B 39 5.09 7.73 -6.73
N LYS B 40 4.54 8.93 -6.91
CA LYS B 40 4.98 10.07 -6.12
C LYS B 40 4.64 9.96 -4.65
N LEU B 41 3.61 9.17 -4.32
CA LEU B 41 3.19 8.99 -2.93
C LEU B 41 3.71 7.69 -2.30
N SER B 42 4.53 6.94 -3.04
CA SER B 42 5.13 5.70 -2.58
C SER B 42 4.20 4.51 -2.44
N MSE B 43 3.34 4.31 -3.41
CA MSE B 43 2.40 3.18 -3.36
C MSE B 43 2.56 2.40 -4.63
O MSE B 43 1.68 1.64 -5.04
CB MSE B 43 0.98 3.69 -3.28
CG MSE B 43 0.78 4.80 -2.30
SE MSE B 43 -1.09 5.34 -2.29
CE MSE B 43 -1.05 6.26 -0.62
N ASP B 44 3.70 2.64 -5.28
CA ASP B 44 4.07 2.00 -6.54
C ASP B 44 3.90 0.49 -6.45
N ARG B 45 4.22 -0.06 -5.30
CA ARG B 45 4.13 -1.49 -5.07
C ARG B 45 2.70 -2.01 -5.34
N TYR B 46 1.71 -1.15 -5.20
CA TYR B 46 0.33 -1.61 -5.41
C TYR B 46 -0.35 -1.12 -6.67
N LEU B 47 0.44 -0.70 -7.66
CA LEU B 47 -0.12 -0.21 -8.92
C LEU B 47 -1.14 -1.18 -9.48
N ASN B 48 -0.78 -2.46 -9.45
CA ASN B 48 -1.64 -3.50 -9.98
C ASN B 48 -3.01 -3.61 -9.33
N TYR B 49 -3.11 -3.22 -8.06
CA TYR B 49 -4.37 -3.25 -7.35
C TYR B 49 -5.23 -2.05 -7.81
N PHE B 50 -4.64 -0.86 -7.79
CA PHE B 50 -5.35 0.35 -8.21
C PHE B 50 -5.94 0.15 -9.60
N ALA B 51 -5.17 -0.53 -10.45
CA ALA B 51 -5.57 -0.80 -11.82
C ALA B 51 -6.88 -1.55 -11.99
N THR B 52 -7.25 -2.34 -11.00
CA THR B 52 -8.49 -3.12 -11.09
C THR B 52 -9.76 -2.32 -10.72
N LYS B 53 -9.58 -1.09 -10.23
CA LYS B 53 -10.71 -0.25 -9.84
C LYS B 53 -11.11 0.74 -10.93
N ALA B 54 -12.40 1.08 -10.95
CA ALA B 54 -12.91 2.03 -11.93
C ALA B 54 -12.27 3.39 -11.65
N SER B 55 -11.99 3.66 -10.37
CA SER B 55 -11.35 4.91 -10.00
C SER B 55 -10.03 4.66 -9.25
N PRO B 56 -8.95 4.38 -10.00
CA PRO B 56 -7.64 4.13 -9.40
C PRO B 56 -7.33 5.23 -8.40
N THR B 57 -7.61 6.48 -8.79
CA THR B 57 -7.31 7.62 -7.92
C THR B 57 -8.08 7.63 -6.61
N GLY B 58 -9.39 7.40 -6.66
CA GLY B 58 -10.18 7.36 -5.44
C GLY B 58 -9.51 6.46 -4.39
N VAL B 59 -9.05 5.28 -4.81
CA VAL B 59 -8.40 4.36 -3.87
C VAL B 59 -7.06 4.94 -3.42
N ILE B 60 -6.32 5.52 -4.34
CA ILE B 60 -5.05 6.12 -3.97
C ILE B 60 -5.31 7.17 -2.89
N LEU B 61 -6.31 8.01 -3.10
CA LEU B 61 -6.62 9.05 -2.14
C LEU B 61 -7.09 8.46 -0.80
N ASP B 62 -7.79 7.32 -0.86
CA ASP B 62 -8.25 6.68 0.39
C ASP B 62 -7.03 6.17 1.18
N LEU B 63 -6.09 5.53 0.50
CA LEU B 63 -4.90 5.04 1.20
C LEU B 63 -4.12 6.21 1.79
N TRP B 64 -3.99 7.29 1.03
CA TRP B 64 -3.27 8.48 1.50
C TRP B 64 -3.91 9.04 2.76
N GLU B 65 -5.23 9.19 2.75
CA GLU B 65 -5.91 9.71 3.94
C GLU B 65 -5.67 8.82 5.17
N ALA B 66 -5.80 7.50 4.98
CA ALA B 66 -5.60 6.55 6.08
C ALA B 66 -4.19 6.64 6.66
N ARG B 67 -3.22 6.78 5.77
CA ARG B 67 -1.83 6.86 6.13
C ARG B 67 -1.49 8.13 6.90
N GLN B 68 -2.46 9.04 7.00
CA GLN B 68 -2.23 10.29 7.72
C GLN B 68 -2.31 10.10 9.22
N ASP B 73 2.47 14.59 5.94
CA ASP B 73 2.16 13.81 4.75
C ASP B 73 1.06 14.52 3.96
N LEU B 74 0.43 15.52 4.58
CA LEU B 74 -0.63 16.31 3.93
C LEU B 74 0.07 17.22 2.93
N ASN B 75 1.37 17.30 3.13
CA ASN B 75 2.26 18.09 2.30
C ASN B 75 2.54 17.31 1.02
N SER B 76 2.75 16.00 1.17
CA SER B 76 3.06 15.13 0.04
C SER B 76 2.00 15.15 -1.07
N LEU B 77 0.73 15.14 -0.71
CA LEU B 77 -0.33 15.16 -1.71
C LEU B 77 -0.30 16.49 -2.48
N ALA B 78 -0.23 17.60 -1.76
CA ALA B 78 -0.21 18.90 -2.41
C ALA B 78 1.05 19.09 -3.24
N SER B 79 2.18 18.54 -2.78
CA SER B 79 3.43 18.66 -3.51
C SER B 79 3.32 17.86 -4.80
N ALA B 80 2.70 16.68 -4.71
CA ALA B 80 2.55 15.86 -5.90
C ALA B 80 1.70 16.59 -6.95
N LEU B 81 0.56 17.16 -6.55
CA LEU B 81 -0.28 17.88 -7.50
C LEU B 81 0.45 19.06 -8.12
N GLU B 82 1.20 19.79 -7.31
CA GLU B 82 1.94 20.94 -7.79
C GLU B 82 2.92 20.47 -8.86
N GLU B 83 3.66 19.40 -8.56
CA GLU B 83 4.62 18.84 -9.52
C GLU B 83 3.92 18.32 -10.76
N MSE B 84 2.62 18.05 -10.67
CA MSE B 84 1.89 17.56 -11.84
C MSE B 84 1.14 18.66 -12.60
O MSE B 84 0.30 18.38 -13.46
CB MSE B 84 0.92 16.44 -11.42
CG MSE B 84 1.60 15.16 -10.95
SE MSE B 84 0.37 13.84 -10.12
CE MSE B 84 -0.47 13.21 -11.69
N GLY B 85 1.44 19.91 -12.27
CA GLY B 85 0.81 21.05 -12.94
C GLY B 85 -0.66 21.27 -12.63
N LYS B 86 -1.14 20.76 -11.50
CA LYS B 86 -2.55 20.92 -11.17
C LYS B 86 -2.75 22.14 -10.26
N SER B 87 -2.43 23.32 -10.80
CA SER B 87 -2.52 24.55 -10.03
C SER B 87 -3.90 24.90 -9.44
N GLU B 88 -4.97 24.75 -10.21
CA GLU B 88 -6.30 25.07 -9.68
C GLU B 88 -6.67 24.20 -8.49
N MSE B 89 -6.31 22.93 -8.55
CA MSE B 89 -6.60 22.02 -7.45
C MSE B 89 -5.80 22.44 -6.23
O MSE B 89 -6.27 22.36 -5.11
CB MSE B 89 -6.25 20.59 -7.83
CG MSE B 89 -7.25 19.93 -8.74
SE MSE B 89 -6.57 18.29 -9.43
CE MSE B 89 -7.22 18.45 -11.24
N LEU B 90 -4.57 22.89 -6.47
CA LEU B 90 -3.69 23.32 -5.39
C LEU B 90 -4.25 24.58 -4.72
N VAL B 91 -4.78 25.49 -5.54
CA VAL B 91 -5.35 26.73 -4.99
C VAL B 91 -6.55 26.34 -4.12
N ALA B 92 -7.35 25.41 -4.63
CA ALA B 92 -8.52 24.92 -3.92
C ALA B 92 -8.11 24.38 -2.55
N MSE B 93 -6.98 23.70 -2.48
CA MSE B 93 -6.49 23.13 -1.24
C MSE B 93 -5.87 24.13 -0.28
O MSE B 93 -5.98 23.99 0.94
CB MSE B 93 -5.46 22.05 -1.52
CG MSE B 93 -6.01 20.86 -2.25
SE MSE B 93 -4.65 19.54 -2.43
CE MSE B 93 -4.32 19.74 -4.33
N ALA B 94 -5.20 25.15 -0.83
CA ALA B 94 -4.57 26.18 0.00
C ALA B 94 -5.71 26.96 0.65
N THR B 95 -6.79 27.12 -0.12
CA THR B 95 -7.96 27.83 0.36
C THR B 95 -8.54 27.05 1.54
N TYR C 8 -9.74 41.30 11.74
CA TYR C 8 -10.90 41.97 11.08
C TYR C 8 -12.03 40.97 10.92
N ALA C 9 -13.01 41.31 10.10
CA ALA C 9 -14.14 40.42 9.85
C ALA C 9 -13.53 39.11 9.35
N PHE C 10 -12.25 39.18 9.02
CA PHE C 10 -11.51 38.02 8.55
C PHE C 10 -10.04 38.22 8.85
N LYS C 11 -9.35 37.14 9.17
CA LYS C 11 -7.92 37.19 9.47
C LYS C 11 -7.18 36.00 8.89
N ILE C 12 -5.97 36.24 8.42
CA ILE C 12 -5.13 35.20 7.86
C ILE C 12 -4.50 34.47 9.04
N PRO C 13 -4.59 33.13 9.08
CA PRO C 13 -3.96 32.45 10.23
C PRO C 13 -2.48 32.81 10.35
N LEU C 14 -2.05 33.14 11.56
CA LEU C 14 -0.69 33.54 11.87
C LEU C 14 0.46 32.77 11.23
N SER C 15 0.41 31.44 11.27
CA SER C 15 1.49 30.65 10.71
C SER C 15 1.67 30.90 9.20
N ILE C 16 0.55 31.12 8.51
CA ILE C 16 0.56 31.37 7.07
C ILE C 16 1.10 32.77 6.79
N ARG C 17 0.63 33.74 7.55
CA ARG C 17 1.06 35.11 7.40
C ARG C 17 2.58 35.15 7.56
N GLN C 18 3.08 34.49 8.59
CA GLN C 18 4.52 34.45 8.86
C GLN C 18 5.31 33.86 7.71
N LYS C 19 4.81 32.80 7.10
CA LYS C 19 5.52 32.18 5.98
C LYS C 19 5.48 33.06 4.75
N ILE C 20 4.33 33.64 4.45
CA ILE C 20 4.24 34.48 3.29
C ILE C 20 5.18 35.67 3.45
N CYS C 21 5.22 36.25 4.64
CA CYS C 21 6.08 37.39 4.92
C CYS C 21 7.56 37.07 4.85
N SER C 22 7.98 35.98 5.52
CA SER C 22 9.39 35.61 5.50
C SER C 22 9.79 35.44 4.05
N SER C 23 8.93 34.80 3.28
CA SER C 23 9.19 34.54 1.87
C SER C 23 9.22 35.77 0.95
N LEU C 24 8.25 36.66 1.05
CA LEU C 24 8.23 37.80 0.14
C LEU C 24 8.92 39.09 0.58
N ASP C 25 9.22 39.23 1.86
CA ASP C 25 9.87 40.45 2.33
C ASP C 25 11.27 40.66 1.74
N ALA C 26 12.01 39.57 1.56
CA ALA C 26 13.36 39.64 1.02
C ALA C 26 13.41 40.31 -0.36
N PRO C 27 14.25 41.34 -0.52
CA PRO C 27 14.37 42.03 -1.80
C PRO C 27 14.83 41.05 -2.86
N ASN C 28 14.07 40.97 -3.94
CA ASN C 28 14.37 40.04 -5.02
C ASN C 28 14.75 40.69 -6.34
N SER C 29 16.03 40.60 -6.67
CA SER C 29 16.59 41.18 -7.89
C SER C 29 15.72 41.12 -9.16
N ARG C 30 14.91 40.09 -9.31
CA ARG C 30 14.09 39.98 -10.52
C ARG C 30 12.64 40.43 -10.37
N GLY C 31 12.31 41.07 -9.25
CA GLY C 31 10.96 41.56 -9.05
C GLY C 31 9.97 40.60 -8.41
N ASN C 32 10.38 39.36 -8.19
CA ASN C 32 9.48 38.37 -7.61
C ASN C 32 9.45 38.36 -6.09
N ASP C 33 9.20 39.53 -5.51
CA ASP C 33 9.09 39.65 -4.08
C ASP C 33 7.72 40.29 -3.81
N TRP C 34 7.56 40.94 -2.66
CA TRP C 34 6.28 41.56 -2.30
C TRP C 34 5.69 42.49 -3.35
N ARG C 35 6.55 43.06 -4.18
CA ARG C 35 6.09 43.96 -5.22
C ARG C 35 5.10 43.27 -6.14
N LEU C 36 5.39 42.01 -6.48
CA LEU C 36 4.53 41.22 -7.36
C LEU C 36 3.19 40.90 -6.69
N LEU C 37 3.24 40.59 -5.40
CA LEU C 37 2.00 40.32 -4.68
C LEU C 37 1.15 41.59 -4.73
N ALA C 38 1.76 42.72 -4.43
CA ALA C 38 1.07 44.02 -4.45
C ALA C 38 0.38 44.24 -5.79
N GLN C 39 1.05 43.88 -6.88
CA GLN C 39 0.46 44.05 -8.21
C GLN C 39 -0.68 43.05 -8.45
N LYS C 40 -0.55 41.83 -7.93
CA LYS C 40 -1.58 40.81 -8.10
C LYS C 40 -2.84 41.14 -7.32
N LEU C 41 -2.69 41.90 -6.25
CA LEU C 41 -3.83 42.28 -5.42
C LEU C 41 -4.33 43.69 -5.75
N SER C 42 -3.83 44.25 -6.85
CA SER C 42 -4.20 45.60 -7.31
C SER C 42 -3.87 46.73 -6.35
N MSE C 43 -2.69 46.66 -5.76
CA MSE C 43 -2.20 47.67 -4.84
C MSE C 43 -0.89 48.20 -5.41
O MSE C 43 -0.05 48.71 -4.67
CB MSE C 43 -1.95 47.07 -3.46
CG MSE C 43 -3.18 46.67 -2.71
SE MSE C 43 -2.73 45.70 -1.09
CE MSE C 43 -3.76 44.13 -1.38
N ASP C 44 -0.72 48.08 -6.71
CA ASP C 44 0.50 48.51 -7.39
C ASP C 44 0.74 50.01 -7.26
N ARG C 45 -0.33 50.77 -7.05
CA ARG C 45 -0.24 52.22 -6.88
C ARG C 45 0.41 52.63 -5.56
N TYR C 46 0.52 51.71 -4.61
CA TYR C 46 1.06 52.03 -3.30
C TYR C 46 2.44 51.49 -2.99
N LEU C 47 3.10 50.89 -3.98
CA LEU C 47 4.43 50.30 -3.80
C LEU C 47 5.38 51.15 -2.97
N ASN C 48 5.45 52.44 -3.27
CA ASN C 48 6.34 53.32 -2.55
C ASN C 48 6.03 53.48 -1.08
N TYR C 49 4.84 53.09 -0.66
CA TYR C 49 4.51 53.19 0.74
C TYR C 49 4.94 51.91 1.43
N PHE C 50 4.69 50.77 0.79
CA PHE C 50 5.08 49.49 1.40
C PHE C 50 6.61 49.40 1.49
N ALA C 51 7.30 49.97 0.51
CA ALA C 51 8.77 49.93 0.44
C ALA C 51 9.51 50.36 1.71
N THR C 52 8.98 51.36 2.42
CA THR C 52 9.65 51.81 3.63
C THR C 52 9.27 51.10 4.92
N LYS C 53 8.43 50.09 4.85
CA LYS C 53 8.04 49.39 6.06
C LYS C 53 8.98 48.21 6.33
N ALA C 54 9.18 47.90 7.59
CA ALA C 54 10.05 46.79 7.98
C ALA C 54 9.55 45.52 7.30
N SER C 55 8.23 45.40 7.17
CA SER C 55 7.64 44.23 6.51
C SER C 55 6.61 44.67 5.46
N PRO C 56 7.07 44.96 4.24
CA PRO C 56 6.12 45.37 3.21
C PRO C 56 5.02 44.34 2.98
N THR C 57 5.39 43.06 3.03
CA THR C 57 4.42 41.99 2.83
C THR C 57 3.38 42.04 3.95
N GLY C 58 3.84 42.43 5.13
CA GLY C 58 2.95 42.54 6.27
C GLY C 58 1.87 43.58 6.09
N VAL C 59 2.24 44.75 5.55
CA VAL C 59 1.29 45.83 5.30
C VAL C 59 0.32 45.40 4.20
N ILE C 60 0.86 44.78 3.16
CA ILE C 60 0.07 44.32 2.03
C ILE C 60 -1.03 43.35 2.47
N LEU C 61 -0.69 42.42 3.35
CA LEU C 61 -1.65 41.44 3.83
C LEU C 61 -2.66 42.06 4.80
N ASP C 62 -2.24 43.06 5.57
CA ASP C 62 -3.14 43.74 6.49
C ASP C 62 -4.22 44.46 5.67
N LEU C 63 -3.78 45.19 4.65
CA LEU C 63 -4.72 45.89 3.78
C LEU C 63 -5.67 44.89 3.14
N TRP C 64 -5.12 43.76 2.69
CA TRP C 64 -5.90 42.72 2.06
C TRP C 64 -6.97 42.17 2.99
N GLU C 65 -6.60 41.94 4.25
CA GLU C 65 -7.54 41.43 5.24
C GLU C 65 -8.65 42.45 5.48
N ALA C 66 -8.23 43.71 5.63
CA ALA C 66 -9.14 44.81 5.88
C ALA C 66 -10.26 44.90 4.86
N ARG C 67 -9.98 44.54 3.61
CA ARG C 67 -11.02 44.65 2.60
C ARG C 67 -11.89 43.41 2.39
N GLN C 68 -11.67 42.38 3.21
CA GLN C 68 -12.45 41.15 3.11
C GLN C 68 -13.75 41.22 3.91
N GLN C 69 -14.65 40.29 3.61
CA GLN C 69 -15.93 40.18 4.31
C GLN C 69 -15.78 38.82 4.95
N ASP C 70 -16.79 38.35 5.68
CA ASP C 70 -16.66 37.01 6.25
C ASP C 70 -17.83 36.13 5.82
N GLY C 72 -15.40 35.79 3.60
CA GLY C 72 -14.67 35.29 2.46
C GLY C 72 -13.61 34.32 2.96
N ASP C 73 -12.71 33.90 2.07
CA ASP C 73 -11.67 32.94 2.41
C ASP C 73 -10.34 33.36 1.72
N LEU C 74 -9.31 32.53 1.83
CA LEU C 74 -8.01 32.87 1.24
C LEU C 74 -7.83 32.65 -0.24
N ASN C 75 -8.93 32.45 -0.96
CA ASN C 75 -8.88 32.21 -2.39
C ASN C 75 -8.10 33.19 -3.27
N SER C 76 -8.31 34.48 -3.08
CA SER C 76 -7.61 35.46 -3.93
C SER C 76 -6.13 35.54 -3.58
N LEU C 77 -5.78 35.22 -2.34
CA LEU C 77 -4.40 35.24 -1.91
C LEU C 77 -3.69 34.01 -2.48
N ALA C 78 -4.34 32.85 -2.32
CA ALA C 78 -3.77 31.61 -2.83
C ALA C 78 -3.59 31.71 -4.34
N SER C 79 -4.61 32.25 -4.98
CA SER C 79 -4.60 32.41 -6.43
C SER C 79 -3.54 33.39 -6.95
N ALA C 80 -3.19 34.40 -6.17
CA ALA C 80 -2.19 35.36 -6.59
C ALA C 80 -0.81 34.70 -6.46
N LEU C 81 -0.59 34.03 -5.34
CA LEU C 81 0.67 33.35 -5.11
C LEU C 81 0.89 32.30 -6.21
N GLU C 82 -0.20 31.77 -6.75
CA GLU C 82 -0.10 30.78 -7.80
C GLU C 82 0.43 31.40 -9.09
N GLU C 83 -0.09 32.56 -9.44
CA GLU C 83 0.34 33.23 -10.67
C GLU C 83 1.78 33.72 -10.55
N MSE C 84 2.27 33.79 -9.32
CA MSE C 84 3.63 34.24 -9.09
C MSE C 84 4.59 33.06 -9.11
O MSE C 84 5.79 33.22 -8.95
CB MSE C 84 3.74 34.94 -7.74
CG MSE C 84 2.90 36.20 -7.63
SE MSE C 84 2.96 36.83 -5.83
CE MSE C 84 4.86 37.13 -5.69
N GLY C 85 4.04 31.86 -9.32
CA GLY C 85 4.87 30.67 -9.33
C GLY C 85 5.44 30.38 -7.97
N LYS C 86 4.73 30.82 -6.92
CA LYS C 86 5.18 30.57 -5.56
C LYS C 86 4.69 29.21 -5.09
N SER C 87 5.03 28.18 -5.86
CA SER C 87 4.63 26.80 -5.60
C SER C 87 4.74 26.33 -4.17
N GLU C 88 5.88 26.55 -3.53
CA GLU C 88 6.07 26.11 -2.15
C GLU C 88 5.08 26.78 -1.20
N MSE C 89 4.83 28.07 -1.43
CA MSE C 89 3.88 28.78 -0.57
C MSE C 89 2.52 28.12 -0.66
O MSE C 89 1.88 27.84 0.36
CB MSE C 89 3.78 30.25 -0.97
CG MSE C 89 4.84 31.15 -0.34
SE MSE C 89 4.99 30.96 1.61
CE MSE C 89 3.11 30.91 2.07
N LEU C 90 2.05 27.88 -1.87
CA LEU C 90 0.76 27.23 -2.05
C LEU C 90 0.72 25.95 -1.24
N VAL C 91 1.75 25.13 -1.37
CA VAL C 91 1.82 23.88 -0.62
C VAL C 91 1.73 24.19 0.88
N ALA C 92 2.49 25.18 1.31
CA ALA C 92 2.53 25.59 2.72
C ALA C 92 1.15 25.90 3.28
N MSE C 93 0.34 26.60 2.49
CA MSE C 93 -1.00 26.96 2.93
C MSE C 93 -1.89 25.75 3.07
O MSE C 93 -2.60 25.60 4.07
CB MSE C 93 -1.63 27.97 1.95
CG MSE C 93 -1.00 29.35 1.99
SE MSE C 93 -1.73 30.57 0.69
CE MSE C 93 -0.62 30.10 -0.82
N ALA C 94 -1.87 24.88 2.06
CA ALA C 94 -2.69 23.67 2.09
C ALA C 94 -2.31 22.82 3.30
N THR C 95 -1.02 22.66 3.50
CA THR C 95 -0.48 21.86 4.60
C THR C 95 -1.01 22.31 5.95
N ASP C 96 -1.43 23.57 6.04
CA ASP C 96 -1.95 24.09 7.29
C ASP C 96 -3.14 25.02 7.09
N TYR D 8 12.70 61.34 -8.45
CA TYR D 8 11.78 62.27 -7.72
C TYR D 8 10.36 61.73 -7.56
N ALA D 9 9.60 62.33 -6.65
CA ALA D 9 8.22 61.92 -6.38
C ALA D 9 7.40 62.94 -5.60
N PHE D 10 6.08 62.89 -5.77
CA PHE D 10 5.17 63.78 -5.07
C PHE D 10 5.35 63.62 -3.56
N LYS D 11 5.34 64.74 -2.83
CA LYS D 11 5.52 64.70 -1.40
C LYS D 11 4.69 65.76 -0.69
N ILE D 12 3.90 65.36 0.30
CA ILE D 12 3.13 66.33 1.05
C ILE D 12 4.13 66.97 2.00
N PRO D 13 4.26 68.31 1.99
CA PRO D 13 5.22 68.84 2.95
C PRO D 13 4.87 68.40 4.37
N LEU D 14 5.88 67.98 5.12
CA LEU D 14 5.69 67.49 6.47
C LEU D 14 4.84 68.38 7.39
N SER D 15 5.09 69.68 7.40
CA SER D 15 4.33 70.58 8.26
C SER D 15 2.83 70.53 7.98
N ILE D 16 2.47 70.30 6.72
CA ILE D 16 1.06 70.20 6.33
C ILE D 16 0.50 68.83 6.74
N ARG D 17 1.31 67.78 6.59
CA ARG D 17 0.86 66.44 7.00
C ARG D 17 0.55 66.48 8.50
N GLN D 18 1.53 66.92 9.29
CA GLN D 18 1.35 67.01 10.73
C GLN D 18 0.12 67.85 11.14
N LYS D 19 -0.07 68.97 10.46
CA LYS D 19 -1.24 69.82 10.74
C LYS D 19 -2.53 69.05 10.50
N ILE D 20 -2.64 68.39 9.36
CA ILE D 20 -3.84 67.63 9.03
C ILE D 20 -4.03 66.48 10.05
N CYS D 21 -2.95 65.74 10.33
CA CYS D 21 -3.05 64.65 11.28
C CYS D 21 -3.52 65.11 12.66
N SER D 22 -2.98 66.21 13.18
CA SER D 22 -3.40 66.62 14.51
C SER D 22 -4.86 67.05 14.52
N SER D 23 -5.36 67.58 13.42
CA SER D 23 -6.77 68.00 13.36
C SER D 23 -7.72 66.82 13.16
N LEU D 24 -7.37 65.91 12.25
CA LEU D 24 -8.25 64.77 11.96
C LEU D 24 -8.11 63.49 12.76
N ASP D 25 -7.05 63.35 13.55
CA ASP D 25 -6.85 62.15 14.35
C ASP D 25 -7.67 62.33 15.63
N ALA D 26 -7.84 63.59 16.02
CA ALA D 26 -8.59 63.95 17.23
C ALA D 26 -10.02 63.43 17.21
N PRO D 27 -10.61 63.26 18.41
CA PRO D 27 -12.00 62.77 18.49
C PRO D 27 -12.97 63.81 17.93
N ASN D 28 -14.00 63.33 17.22
CA ASN D 28 -15.01 64.24 16.67
C ASN D 28 -16.36 63.52 16.72
N SER D 29 -17.25 64.02 17.55
CA SER D 29 -18.56 63.40 17.71
C SER D 29 -19.31 63.34 16.38
N ARG D 30 -19.12 64.37 15.55
CA ARG D 30 -19.79 64.46 14.25
C ARG D 30 -19.24 63.52 13.18
N GLY D 31 -18.07 62.93 13.42
CA GLY D 31 -17.47 62.04 12.44
C GLY D 31 -16.69 62.80 11.38
N ASN D 32 -16.42 64.08 11.65
CA ASN D 32 -15.67 64.91 10.70
C ASN D 32 -14.18 64.66 10.91
N ASP D 33 -13.77 63.41 10.78
CA ASP D 33 -12.37 63.07 10.99
C ASP D 33 -11.77 62.25 9.86
N TRP D 34 -10.77 61.43 10.18
CA TRP D 34 -10.11 60.64 9.19
C TRP D 34 -10.99 59.75 8.34
N ARG D 35 -12.07 59.23 8.92
CA ARG D 35 -12.98 58.36 8.17
C ARG D 35 -13.56 59.07 6.96
N LEU D 36 -13.93 60.33 7.14
CA LEU D 36 -14.49 61.10 6.04
C LEU D 36 -13.38 61.41 5.03
N LEU D 37 -12.21 61.75 5.54
CA LEU D 37 -11.08 62.03 4.65
C LEU D 37 -10.82 60.82 3.79
N ALA D 38 -10.83 59.63 4.39
CA ALA D 38 -10.56 58.41 3.62
C ALA D 38 -11.53 58.25 2.46
N GLN D 39 -12.82 58.50 2.71
CA GLN D 39 -13.81 58.39 1.63
C GLN D 39 -13.49 59.38 0.51
N LYS D 40 -13.18 60.61 0.90
CA LYS D 40 -12.87 61.68 -0.06
C LYS D 40 -11.65 61.33 -0.91
N LEU D 41 -10.70 60.60 -0.33
CA LEU D 41 -9.50 60.25 -1.07
C LEU D 41 -9.62 58.85 -1.70
N SER D 42 -10.84 58.34 -1.72
CA SER D 42 -11.11 57.02 -2.29
C SER D 42 -10.27 55.92 -1.65
N MSE D 43 -10.07 56.03 -0.33
CA MSE D 43 -9.29 55.05 0.43
C MSE D 43 -10.18 54.34 1.45
O MSE D 43 -9.68 53.51 2.23
CB MSE D 43 -8.18 55.78 1.19
CG MSE D 43 -7.31 56.70 0.34
SE MSE D 43 -5.96 55.58 -0.39
CE MSE D 43 -5.16 55.58 1.34
N ASP D 44 -11.49 54.62 1.47
CA ASP D 44 -12.33 54.02 2.50
C ASP D 44 -12.58 52.53 2.47
N ARG D 45 -12.05 51.85 1.47
CA ARG D 45 -12.21 50.40 1.43
C ARG D 45 -11.36 49.81 2.57
N TYR D 46 -10.50 50.62 3.15
CA TYR D 46 -9.58 50.16 4.19
C TYR D 46 -9.73 50.78 5.57
N LEU D 47 -10.89 51.33 5.87
CA LEU D 47 -11.10 51.97 7.17
C LEU D 47 -10.74 51.07 8.35
N ASN D 48 -11.02 49.78 8.26
CA ASN D 48 -10.72 48.89 9.39
C ASN D 48 -9.23 48.86 9.69
N TYR D 49 -8.42 48.93 8.65
CA TYR D 49 -6.98 48.92 8.82
C TYR D 49 -6.54 50.23 9.49
N PHE D 50 -6.99 51.35 8.95
CA PHE D 50 -6.63 52.66 9.48
C PHE D 50 -6.93 52.81 10.97
N ALA D 51 -8.06 52.26 11.40
CA ALA D 51 -8.48 52.33 12.81
C ALA D 51 -7.49 51.70 13.80
N THR D 52 -6.72 50.71 13.36
CA THR D 52 -5.77 50.05 14.25
C THR D 52 -4.45 50.80 14.41
N LYS D 53 -4.28 51.91 13.69
CA LYS D 53 -3.04 52.67 13.75
C LYS D 53 -3.04 53.85 14.71
N ALA D 54 -1.85 54.22 15.18
CA ALA D 54 -1.70 55.35 16.11
C ALA D 54 -2.19 56.64 15.46
N SER D 55 -1.85 56.82 14.19
CA SER D 55 -2.28 58.00 13.46
C SER D 55 -3.04 57.55 12.22
N PRO D 56 -4.36 57.35 12.35
CA PRO D 56 -5.16 56.92 11.20
C PRO D 56 -4.96 57.85 10.00
N THR D 57 -4.89 59.15 10.27
CA THR D 57 -4.71 60.14 9.20
C THR D 57 -3.31 60.07 8.54
N GLY D 58 -2.28 59.86 9.34
CA GLY D 58 -0.92 59.77 8.78
C GLY D 58 -0.82 58.68 7.73
N VAL D 59 -1.38 57.52 8.04
CA VAL D 59 -1.38 56.39 7.11
C VAL D 59 -2.17 56.71 5.84
N ILE D 60 -3.37 57.27 6.00
CA ILE D 60 -4.20 57.63 4.84
C ILE D 60 -3.44 58.58 3.90
N LEU D 61 -2.84 59.62 4.45
CA LEU D 61 -2.09 60.62 3.68
C LEU D 61 -0.85 60.01 3.02
N ASP D 62 -0.15 59.13 3.74
CA ASP D 62 1.04 58.47 3.19
C ASP D 62 0.64 57.59 2.00
N LEU D 63 -0.44 56.81 2.11
CA LEU D 63 -0.87 55.97 0.99
C LEU D 63 -1.34 56.82 -0.18
N TRP D 64 -2.07 57.89 0.13
CA TRP D 64 -2.58 58.80 -0.90
C TRP D 64 -1.40 59.43 -1.65
N GLU D 65 -0.43 59.94 -0.92
CA GLU D 65 0.76 60.54 -1.52
C GLU D 65 1.46 59.57 -2.49
N ALA D 66 1.63 58.33 -2.03
CA ALA D 66 2.27 57.28 -2.82
C ALA D 66 1.61 57.07 -4.18
N ARG D 67 0.29 57.01 -4.21
CA ARG D 67 -0.44 56.81 -5.46
C ARG D 67 -0.45 58.07 -6.30
N GLN D 68 0.11 59.15 -5.75
CA GLN D 68 0.17 60.43 -6.44
C GLN D 68 1.43 60.56 -7.28
N GLY D 72 1.52 65.80 -9.50
CA GLY D 72 1.44 65.81 -8.05
C GLY D 72 0.76 67.08 -7.59
N ASP D 73 -0.49 66.95 -7.14
CA ASP D 73 -1.23 68.13 -6.71
C ASP D 73 -1.87 68.09 -5.33
N LEU D 74 -1.51 69.07 -4.51
CA LEU D 74 -2.06 69.20 -3.18
C LEU D 74 -3.47 69.79 -3.26
N ASN D 75 -3.84 70.30 -4.43
CA ASN D 75 -5.15 70.89 -4.62
C ASN D 75 -6.28 69.92 -4.34
N SER D 76 -6.08 68.67 -4.71
CA SER D 76 -7.10 67.67 -4.50
C SER D 76 -7.34 67.46 -3.01
N LEU D 77 -6.26 67.61 -2.23
CA LEU D 77 -6.29 67.46 -0.79
C LEU D 77 -7.02 68.65 -0.18
N ALA D 78 -6.64 69.85 -0.62
CA ALA D 78 -7.26 71.06 -0.15
C ALA D 78 -8.77 71.00 -0.42
N SER D 79 -9.13 70.54 -1.61
CA SER D 79 -10.54 70.45 -1.97
C SER D 79 -11.31 69.54 -1.01
N ALA D 80 -10.71 68.41 -0.65
CA ALA D 80 -11.33 67.47 0.28
C ALA D 80 -11.57 68.15 1.61
N LEU D 81 -10.55 68.85 2.09
CA LEU D 81 -10.63 69.54 3.38
C LEU D 81 -11.66 70.66 3.34
N GLU D 82 -11.76 71.35 2.21
CA GLU D 82 -12.73 72.45 2.07
C GLU D 82 -14.13 71.86 2.18
N GLU D 83 -14.36 70.74 1.50
CA GLU D 83 -15.66 70.05 1.54
C GLU D 83 -16.01 69.62 2.96
N MSE D 84 -14.99 69.43 3.79
CA MSE D 84 -15.19 68.99 5.16
C MSE D 84 -15.34 70.17 6.11
O MSE D 84 -15.37 70.00 7.32
CB MSE D 84 -13.99 68.11 5.61
CG MSE D 84 -13.90 66.78 4.90
SE MSE D 84 -12.32 65.69 5.41
CE MSE D 84 -12.76 65.38 7.28
N GLY D 85 -15.43 71.38 5.56
CA GLY D 85 -15.61 72.55 6.39
C GLY D 85 -14.42 72.90 7.24
N LYS D 86 -13.26 72.34 6.93
CA LYS D 86 -12.05 72.63 7.70
C LYS D 86 -11.40 73.95 7.27
N SER D 87 -12.19 75.02 7.31
CA SER D 87 -11.72 76.34 6.92
C SER D 87 -10.72 76.96 7.89
N GLU D 88 -10.94 76.72 9.18
CA GLU D 88 -10.05 77.26 10.20
C GLU D 88 -8.67 76.63 10.05
N MSE D 89 -8.65 75.34 9.69
CA MSE D 89 -7.39 74.63 9.52
C MSE D 89 -6.64 75.10 8.29
O MSE D 89 -5.42 75.27 8.32
CB MSE D 89 -7.65 73.13 9.40
CG MSE D 89 -6.36 72.34 9.24
SE MSE D 89 -6.70 70.56 8.63
CE MSE D 89 -8.38 70.24 9.55
N LEU D 90 -7.37 75.30 7.19
CA LEU D 90 -6.76 75.75 5.95
C LEU D 90 -6.12 77.12 6.15
N VAL D 91 -6.80 78.00 6.90
CA VAL D 91 -6.29 79.33 7.17
C VAL D 91 -5.04 79.27 8.06
N ALA D 92 -5.09 78.41 9.06
CA ALA D 92 -3.95 78.26 9.98
C ALA D 92 -2.75 77.78 9.17
N MSE D 93 -2.97 76.83 8.27
CA MSE D 93 -1.88 76.31 7.46
C MSE D 93 -1.27 77.40 6.58
O MSE D 93 -0.05 77.57 6.56
CB MSE D 93 -2.36 75.16 6.58
CG MSE D 93 -2.96 74.01 7.35
SE MSE D 93 -3.13 72.41 6.25
CE MSE D 93 -3.52 73.22 4.55
N ALA D 94 -2.13 78.10 5.83
CA ALA D 94 -1.67 79.17 4.95
C ALA D 94 -0.84 80.18 5.74
N THR D 95 -1.28 80.46 6.96
CA THR D 95 -0.60 81.40 7.82
C THR D 95 0.68 80.79 8.42
N ASP D 96 0.64 79.47 8.64
CA ASP D 96 1.73 78.69 9.21
C ASP D 96 1.65 78.65 10.72
N TYR E 8 18.70 -54.16 5.47
CA TYR E 8 17.78 -55.33 5.42
C TYR E 8 18.16 -56.38 6.45
N ALA E 9 17.20 -56.71 7.31
CA ALA E 9 17.40 -57.71 8.34
C ALA E 9 17.26 -59.12 7.75
N PHE E 10 17.24 -59.19 6.42
CA PHE E 10 17.12 -60.45 5.72
C PHE E 10 17.07 -60.24 4.21
N LYS E 11 17.71 -61.13 3.46
CA LYS E 11 17.75 -61.07 2.01
C LYS E 11 17.39 -62.44 1.46
N ILE E 12 16.58 -62.46 0.39
CA ILE E 12 16.15 -63.68 -0.25
C ILE E 12 17.28 -64.18 -1.16
N PRO E 13 17.63 -65.48 -1.08
CA PRO E 13 18.69 -65.99 -1.95
C PRO E 13 18.35 -65.73 -3.42
N LEU E 14 19.28 -65.13 -4.15
CA LEU E 14 19.06 -64.82 -5.56
C LEU E 14 18.48 -65.99 -6.34
N SER E 15 18.84 -67.21 -5.93
CA SER E 15 18.33 -68.39 -6.61
C SER E 15 16.81 -68.39 -6.56
N ILE E 16 16.28 -68.29 -5.35
CA ILE E 16 14.83 -68.28 -5.14
C ILE E 16 14.17 -67.05 -5.74
N ARG E 17 14.78 -65.88 -5.54
CA ARG E 17 14.24 -64.64 -6.09
C ARG E 17 13.94 -64.80 -7.57
N GLN E 18 14.98 -65.11 -8.34
CA GLN E 18 14.84 -65.29 -9.79
C GLN E 18 13.73 -66.29 -10.12
N LYS E 19 13.61 -67.32 -9.28
CA LYS E 19 12.61 -68.35 -9.48
C LYS E 19 11.21 -67.72 -9.34
N ILE E 20 10.95 -67.14 -8.18
CA ILE E 20 9.65 -66.52 -7.89
C ILE E 20 9.24 -65.49 -8.94
N CYS E 21 10.18 -64.60 -9.31
CA CYS E 21 9.92 -63.56 -10.30
C CYS E 21 9.56 -64.08 -11.67
N SER E 22 10.28 -65.09 -12.15
CA SER E 22 10.01 -65.66 -13.48
C SER E 22 8.61 -66.25 -13.47
N SER E 23 8.25 -66.85 -12.35
CA SER E 23 6.94 -67.46 -12.20
C SER E 23 5.80 -66.48 -12.07
N LEU E 24 6.00 -65.41 -11.30
CA LEU E 24 4.94 -64.45 -11.07
C LEU E 24 4.86 -63.24 -12.02
N ASP E 25 5.96 -62.86 -12.66
CA ASP E 25 5.88 -61.72 -13.58
C ASP E 25 5.03 -61.98 -14.82
N ALA E 26 4.93 -63.24 -15.22
CA ALA E 26 4.14 -63.59 -16.40
C ALA E 26 2.65 -63.53 -16.09
N PRO E 27 1.92 -62.65 -16.80
CA PRO E 27 0.47 -62.49 -16.62
C PRO E 27 -0.29 -63.75 -17.00
N ASN E 28 -1.32 -64.12 -16.25
CA ASN E 28 -2.07 -65.33 -16.63
C ASN E 28 -3.55 -65.16 -16.28
N SER E 29 -4.39 -66.01 -16.86
CA SER E 29 -5.82 -65.90 -16.62
C SER E 29 -6.25 -66.60 -15.34
N ARG E 30 -5.29 -66.92 -14.48
CA ARG E 30 -5.61 -67.57 -13.22
C ARG E 30 -5.56 -66.53 -12.10
N GLY E 31 -5.09 -65.34 -12.43
CA GLY E 31 -4.99 -64.31 -11.42
C GLY E 31 -3.93 -64.75 -10.42
N ASN E 32 -3.16 -65.76 -10.83
CA ASN E 32 -2.11 -66.34 -9.99
C ASN E 32 -0.75 -65.68 -10.25
N ASP E 33 -0.73 -64.37 -10.41
CA ASP E 33 0.54 -63.69 -10.70
C ASP E 33 0.97 -62.72 -9.61
N TRP E 34 1.88 -61.82 -9.95
CA TRP E 34 2.38 -60.85 -8.97
C TRP E 34 1.30 -60.00 -8.32
N ARG E 35 0.19 -59.80 -9.01
CA ARG E 35 -0.88 -58.99 -8.44
C ARG E 35 -1.46 -59.70 -7.20
N LEU E 36 -1.62 -61.02 -7.27
CA LEU E 36 -2.16 -61.76 -6.14
C LEU E 36 -1.15 -61.81 -5.00
N LEU E 37 0.13 -61.96 -5.34
CA LEU E 37 1.16 -61.96 -4.30
C LEU E 37 1.13 -60.64 -3.55
N ALA E 38 1.02 -59.53 -4.29
CA ALA E 38 0.97 -58.20 -3.68
C ALA E 38 -0.18 -58.11 -2.71
N GLN E 39 -1.33 -58.60 -3.15
CA GLN E 39 -2.53 -58.59 -2.31
C GLN E 39 -2.29 -59.41 -1.04
N LYS E 40 -1.78 -60.63 -1.18
CA LYS E 40 -1.54 -61.47 -0.03
C LYS E 40 -0.50 -60.94 0.96
N LEU E 41 0.38 -60.05 0.50
CA LEU E 41 1.40 -59.48 1.37
C LEU E 41 0.98 -58.09 1.86
N SER E 42 -0.28 -57.75 1.63
CA SER E 42 -0.82 -56.46 2.07
C SER E 42 -0.21 -55.27 1.34
N MSE E 43 -0.05 -55.39 0.03
CA MSE E 43 0.52 -54.32 -0.76
C MSE E 43 -0.36 -53.97 -1.94
O MSE E 43 0.07 -53.28 -2.86
CB MSE E 43 1.91 -54.73 -1.28
CG MSE E 43 3.00 -54.79 -0.23
SE MSE E 43 4.65 -55.49 -1.05
CE MSE E 43 5.46 -56.28 0.54
N ASP E 44 -1.61 -54.43 -1.92
CA ASP E 44 -2.55 -54.17 -3.01
C ASP E 44 -2.74 -52.69 -3.31
N ARG E 45 -2.61 -51.85 -2.28
CA ARG E 45 -2.78 -50.42 -2.49
C ARG E 45 -1.70 -49.82 -3.41
N TYR E 46 -0.60 -50.54 -3.59
CA TYR E 46 0.48 -50.03 -4.44
C TYR E 46 0.57 -50.73 -5.79
N LEU E 47 -0.49 -51.45 -6.16
CA LEU E 47 -0.52 -52.16 -7.43
C LEU E 47 -0.04 -51.32 -8.61
N ASN E 48 -0.58 -50.10 -8.74
CA ASN E 48 -0.21 -49.21 -9.84
C ASN E 48 1.29 -49.01 -9.97
N TYR E 49 1.98 -48.89 -8.85
CA TYR E 49 3.42 -48.70 -8.86
C TYR E 49 4.13 -49.91 -9.46
N PHE E 50 3.93 -51.08 -8.86
CA PHE E 50 4.59 -52.30 -9.34
C PHE E 50 4.45 -52.49 -10.85
N ALA E 51 3.26 -52.22 -11.37
CA ALA E 51 2.97 -52.37 -12.78
C ALA E 51 3.91 -51.52 -13.64
N THR E 52 4.55 -50.56 -13.00
CA THR E 52 5.47 -49.65 -13.69
C THR E 52 6.84 -50.26 -13.95
N LYS E 53 7.24 -51.19 -13.09
CA LYS E 53 8.56 -51.81 -13.20
C LYS E 53 8.66 -52.95 -14.20
N ALA E 54 9.89 -53.24 -14.61
CA ALA E 54 10.16 -54.31 -15.58
C ALA E 54 9.81 -55.65 -14.93
N SER E 55 10.14 -55.75 -13.64
CA SER E 55 9.87 -56.94 -12.85
C SER E 55 9.10 -56.50 -11.60
N PRO E 56 7.78 -56.50 -11.67
CA PRO E 56 6.99 -56.08 -10.50
C PRO E 56 7.20 -57.01 -9.29
N THR E 57 7.31 -58.32 -9.54
CA THR E 57 7.53 -59.26 -8.44
C THR E 57 8.82 -58.91 -7.72
N GLY E 58 9.81 -58.46 -8.48
CA GLY E 58 11.10 -58.11 -7.89
C GLY E 58 10.92 -56.97 -6.90
N VAL E 59 10.16 -55.96 -7.31
CA VAL E 59 9.92 -54.81 -6.45
C VAL E 59 9.14 -55.25 -5.19
N ILE E 60 8.15 -56.12 -5.39
CA ILE E 60 7.36 -56.62 -4.27
C ILE E 60 8.30 -57.31 -3.27
N LEU E 61 9.15 -58.20 -3.77
CA LEU E 61 10.10 -58.88 -2.90
C LEU E 61 11.02 -57.87 -2.19
N ASP E 62 11.44 -56.82 -2.89
CA ASP E 62 12.29 -55.79 -2.26
C ASP E 62 11.59 -55.18 -1.05
N LEU E 63 10.34 -54.76 -1.24
CA LEU E 63 9.55 -54.17 -0.16
C LEU E 63 9.36 -55.18 0.96
N TRP E 64 9.13 -56.43 0.58
CA TRP E 64 8.92 -57.48 1.57
C TRP E 64 10.20 -57.68 2.38
N GLU E 65 11.35 -57.65 1.71
CA GLU E 65 12.62 -57.82 2.43
C GLU E 65 12.85 -56.64 3.35
N ALA E 66 12.51 -55.46 2.86
CA ALA E 66 12.69 -54.22 3.60
C ALA E 66 11.96 -54.14 4.94
N ARG E 67 10.74 -54.64 5.00
CA ARG E 67 9.98 -54.57 6.24
C ARG E 67 10.25 -55.72 7.20
N GLN E 68 11.18 -56.60 6.87
CA GLN E 68 11.50 -57.72 7.75
C GLN E 68 12.23 -57.26 9.01
N GLN E 69 11.86 -57.87 10.14
CA GLN E 69 12.49 -57.56 11.42
C GLN E 69 13.77 -58.40 11.50
N ASP E 70 14.31 -58.56 12.70
CA ASP E 70 15.53 -59.33 12.90
C ASP E 70 15.32 -60.81 12.56
N ASP E 71 14.36 -61.43 13.22
CA ASP E 71 14.02 -62.84 13.03
C ASP E 71 13.76 -63.20 11.56
N GLY E 72 13.78 -62.19 10.70
CA GLY E 72 13.56 -62.37 9.27
C GLY E 72 13.49 -63.80 8.76
N ASP E 73 12.29 -64.22 8.37
CA ASP E 73 12.09 -65.58 7.88
C ASP E 73 11.27 -65.57 6.60
N LEU E 74 11.64 -66.41 5.64
CA LEU E 74 10.93 -66.49 4.37
C LEU E 74 9.49 -66.96 4.59
N ASN E 75 9.16 -67.31 5.84
CA ASN E 75 7.84 -67.82 6.19
C ASN E 75 6.62 -67.10 5.63
N SER E 76 6.49 -65.80 5.91
CA SER E 76 5.33 -65.05 5.41
C SER E 76 5.29 -65.11 3.89
N LEU E 77 6.45 -65.19 3.26
CA LEU E 77 6.53 -65.25 1.80
C LEU E 77 6.10 -66.64 1.30
N ALA E 78 6.63 -67.68 1.94
CA ALA E 78 6.30 -69.06 1.58
C ALA E 78 4.80 -69.26 1.80
N SER E 79 4.30 -68.73 2.90
CA SER E 79 2.88 -68.85 3.22
C SER E 79 1.99 -68.22 2.12
N ALA E 80 2.40 -67.06 1.61
CA ALA E 80 1.63 -66.39 0.58
C ALA E 80 1.64 -67.29 -0.65
N LEU E 81 2.81 -67.81 -1.00
CA LEU E 81 2.93 -68.71 -2.15
C LEU E 81 2.03 -69.95 -1.98
N GLU E 82 2.02 -70.54 -0.79
CA GLU E 82 1.21 -71.73 -0.54
C GLU E 82 -0.27 -71.47 -0.81
N GLU E 83 -0.78 -70.35 -0.28
CA GLU E 83 -2.17 -69.98 -0.46
C GLU E 83 -2.49 -69.70 -1.93
N MSE E 84 -1.46 -69.45 -2.73
CA MSE E 84 -1.64 -69.18 -4.15
C MSE E 84 -1.60 -70.43 -5.01
O MSE E 84 -1.62 -70.34 -6.25
CB MSE E 84 -0.58 -68.21 -4.65
CG MSE E 84 -0.82 -66.77 -4.25
SE MSE E 84 0.78 -65.77 -4.55
CE MSE E 84 1.11 -65.23 -2.74
N GLY E 85 -1.53 -71.59 -4.37
CA GLY E 85 -1.46 -72.84 -5.11
C GLY E 85 -0.12 -73.01 -5.80
N LYS E 86 0.97 -72.84 -5.05
CA LYS E 86 2.33 -72.98 -5.59
C LYS E 86 3.13 -73.94 -4.73
N SER E 87 2.46 -74.93 -4.14
CA SER E 87 3.11 -75.90 -3.26
C SER E 87 4.33 -76.56 -3.89
N GLU E 88 4.32 -76.68 -5.22
CA GLU E 88 5.42 -77.29 -5.94
C GLU E 88 6.64 -76.39 -5.78
N MSE E 89 6.46 -75.14 -6.17
CA MSE E 89 7.50 -74.14 -6.08
C MSE E 89 7.98 -73.96 -4.65
O MSE E 89 9.03 -73.37 -4.41
CB MSE E 89 6.97 -72.81 -6.62
CG MSE E 89 7.70 -71.62 -6.11
SE MSE E 89 7.16 -70.10 -7.10
CE MSE E 89 8.70 -69.98 -8.29
N LEU E 90 7.19 -74.45 -3.70
CA LEU E 90 7.55 -74.36 -2.30
C LEU E 90 8.66 -75.37 -1.99
N VAL E 91 8.43 -76.63 -2.35
CA VAL E 91 9.44 -77.67 -2.12
C VAL E 91 10.67 -77.32 -2.97
N ALA E 92 10.44 -76.61 -4.07
CA ALA E 92 11.51 -76.18 -4.95
C ALA E 92 12.39 -75.21 -4.17
N MSE E 93 11.77 -74.50 -3.23
CA MSE E 93 12.47 -73.53 -2.38
C MSE E 93 13.06 -74.31 -1.21
O MSE E 93 14.07 -73.90 -0.63
CB MSE E 93 11.50 -72.49 -1.82
CG MSE E 93 10.97 -71.46 -2.81
SE MSE E 93 9.63 -70.32 -1.95
CE MSE E 93 10.53 -69.96 -0.27
N ALA E 94 12.42 -75.42 -0.88
CA ALA E 94 12.85 -76.27 0.22
C ALA E 94 14.22 -76.86 -0.08
N THR E 95 14.53 -76.98 -1.38
CA THR E 95 15.80 -77.52 -1.84
C THR E 95 16.95 -76.55 -1.56
N ALA F 9 -4.77 -43.85 -12.87
CA ALA F 9 -3.61 -43.84 -11.92
C ALA F 9 -3.18 -42.40 -11.62
N PHE F 10 -3.72 -41.85 -10.54
CA PHE F 10 -3.41 -40.48 -10.12
C PHE F 10 -1.94 -40.11 -10.35
N LYS F 11 -1.67 -38.82 -10.44
CA LYS F 11 -0.30 -38.36 -10.66
C LYS F 11 -0.02 -36.98 -10.07
N ILE F 12 1.24 -36.74 -9.72
CA ILE F 12 1.69 -35.48 -9.15
C ILE F 12 2.37 -34.63 -10.23
N PRO F 13 1.93 -33.38 -10.40
CA PRO F 13 2.53 -32.49 -11.40
C PRO F 13 4.06 -32.45 -11.30
N LEU F 14 4.71 -32.83 -12.39
CA LEU F 14 6.17 -32.86 -12.49
C LEU F 14 6.89 -31.85 -11.60
N SER F 15 6.69 -30.57 -11.89
CA SER F 15 7.35 -29.50 -11.14
C SER F 15 7.32 -29.76 -9.63
N ILE F 16 6.13 -29.97 -9.09
CA ILE F 16 5.98 -30.22 -7.65
C ILE F 16 6.91 -31.35 -7.21
N ARG F 17 6.86 -32.49 -7.91
CA ARG F 17 7.71 -33.62 -7.57
C ARG F 17 9.18 -33.23 -7.62
N GLN F 18 9.57 -32.54 -8.70
CA GLN F 18 10.95 -32.11 -8.87
C GLN F 18 11.39 -31.33 -7.64
N LYS F 19 10.53 -30.42 -7.20
CA LYS F 19 10.80 -29.60 -6.04
C LYS F 19 10.91 -30.44 -4.78
N ILE F 20 9.79 -31.05 -4.38
CA ILE F 20 9.73 -31.90 -3.19
C ILE F 20 10.87 -32.89 -3.12
N CYS F 21 11.11 -33.60 -4.22
CA CYS F 21 12.18 -34.59 -4.25
C CYS F 21 13.55 -33.98 -3.92
N SER F 22 14.00 -33.01 -4.70
CA SER F 22 15.30 -32.39 -4.44
C SER F 22 15.31 -31.66 -3.09
N SER F 23 14.12 -31.35 -2.59
CA SER F 23 13.99 -30.66 -1.30
C SER F 23 14.11 -31.64 -0.13
N LEU F 24 13.59 -32.86 -0.30
CA LEU F 24 13.64 -33.87 0.75
C LEU F 24 14.71 -34.95 0.55
N ASP F 25 15.05 -35.23 -0.70
CA ASP F 25 16.07 -36.26 -0.99
C ASP F 25 17.30 -36.00 -0.13
N ALA F 26 17.76 -34.74 -0.17
CA ALA F 26 18.92 -34.32 0.59
C ALA F 26 18.67 -34.57 2.08
N PRO F 27 19.58 -35.30 2.73
CA PRO F 27 19.41 -35.57 4.16
C PRO F 27 19.33 -34.26 4.93
N ASN F 28 18.41 -34.20 5.89
CA ASN F 28 18.26 -32.99 6.69
C ASN F 28 18.94 -33.21 8.02
N SER F 29 19.45 -32.12 8.58
CA SER F 29 20.19 -32.11 9.85
C SER F 29 19.51 -32.78 11.04
N ARG F 30 18.18 -32.70 11.10
CA ARG F 30 17.50 -33.29 12.23
C ARG F 30 16.49 -34.35 11.81
N GLY F 31 16.74 -34.98 10.66
CA GLY F 31 15.87 -36.02 10.17
C GLY F 31 14.64 -35.55 9.42
N ASN F 32 14.44 -34.23 9.39
CA ASN F 32 13.28 -33.68 8.70
C ASN F 32 13.49 -33.78 7.20
N ASP F 33 13.47 -35.01 6.69
CA ASP F 33 13.64 -35.26 5.26
C ASP F 33 12.63 -36.31 4.82
N TRP F 34 12.89 -36.95 3.67
CA TRP F 34 11.99 -37.99 3.17
C TRP F 34 11.73 -39.02 4.25
N ARG F 35 12.69 -39.19 5.16
CA ARG F 35 12.54 -40.15 6.26
C ARG F 35 11.27 -39.84 7.06
N LEU F 36 11.19 -38.62 7.57
CA LEU F 36 10.04 -38.20 8.37
C LEU F 36 8.77 -38.31 7.55
N LEU F 37 8.84 -37.87 6.29
CA LEU F 37 7.69 -37.93 5.42
C LEU F 37 7.16 -39.36 5.39
N ALA F 38 8.07 -40.33 5.23
CA ALA F 38 7.71 -41.74 5.20
C ALA F 38 6.84 -42.12 6.38
N GLN F 39 7.27 -41.74 7.58
CA GLN F 39 6.53 -42.05 8.80
C GLN F 39 5.14 -41.40 8.81
N LYS F 40 5.06 -40.17 8.33
CA LYS F 40 3.80 -39.43 8.28
C LYS F 40 2.82 -40.09 7.32
N LEU F 41 3.34 -40.67 6.25
CA LEU F 41 2.53 -41.36 5.25
C LEU F 41 2.42 -42.85 5.57
N SER F 42 2.85 -43.22 6.77
CA SER F 42 2.80 -44.59 7.24
C SER F 42 3.51 -45.61 6.32
N MSE F 43 4.75 -45.29 5.95
CA MSE F 43 5.56 -46.16 5.10
C MSE F 43 6.85 -46.41 5.85
O MSE F 43 7.91 -46.66 5.28
CB MSE F 43 5.83 -45.52 3.76
CG MSE F 43 4.61 -45.41 2.89
SE MSE F 43 5.09 -44.46 1.32
CE MSE F 43 6.10 -43.06 2.19
N ASP F 44 6.71 -46.30 7.17
CA ASP F 44 7.75 -46.50 8.16
C ASP F 44 8.57 -47.76 7.86
N ARG F 45 7.88 -48.89 7.78
CA ARG F 45 8.46 -50.20 7.53
C ARG F 45 9.25 -50.35 6.22
N TYR F 46 9.28 -49.32 5.38
CA TYR F 46 9.97 -49.42 4.11
C TYR F 46 11.17 -48.50 3.89
N LEU F 47 11.60 -47.80 4.94
CA LEU F 47 12.73 -46.88 4.81
C LEU F 47 13.96 -47.49 4.11
N ASN F 48 14.29 -48.74 4.45
CA ASN F 48 15.44 -49.43 3.88
C ASN F 48 15.36 -49.49 2.34
N TYR F 49 14.17 -49.72 1.82
CA TYR F 49 14.00 -49.79 0.38
C TYR F 49 14.10 -48.40 -0.25
N PHE F 50 13.57 -47.38 0.42
CA PHE F 50 13.63 -46.04 -0.12
C PHE F 50 15.09 -45.61 -0.14
N ALA F 51 15.82 -45.98 0.91
CA ALA F 51 17.24 -45.65 1.00
C ALA F 51 18.06 -46.59 0.11
N THR F 52 17.53 -46.86 -1.08
CA THR F 52 18.19 -47.76 -2.03
C THR F 52 18.00 -47.30 -3.47
N LYS F 53 17.61 -46.04 -3.67
CA LYS F 53 17.40 -45.55 -5.02
C LYS F 53 17.86 -44.13 -5.29
N ALA F 54 17.97 -43.79 -6.57
CA ALA F 54 18.41 -42.48 -7.02
C ALA F 54 17.88 -41.37 -6.12
N SER F 55 16.55 -41.24 -6.05
CA SER F 55 15.94 -40.24 -5.18
C SER F 55 14.90 -40.91 -4.28
N PRO F 56 15.18 -40.95 -2.96
CA PRO F 56 14.28 -41.56 -1.99
C PRO F 56 12.86 -40.99 -2.06
N THR F 57 12.76 -39.67 -1.95
CA THR F 57 11.46 -39.00 -2.01
C THR F 57 10.73 -39.41 -3.28
N GLY F 58 11.52 -39.75 -4.30
CA GLY F 58 10.97 -40.14 -5.58
C GLY F 58 10.04 -41.35 -5.49
N VAL F 59 10.53 -42.46 -4.94
CA VAL F 59 9.72 -43.65 -4.81
C VAL F 59 8.59 -43.45 -3.81
N ILE F 60 8.88 -42.77 -2.71
CA ILE F 60 7.88 -42.47 -1.70
C ILE F 60 6.67 -41.82 -2.37
N LEU F 61 6.92 -40.76 -3.12
CA LEU F 61 5.86 -40.06 -3.82
C LEU F 61 5.23 -40.99 -4.85
N ASP F 62 6.05 -41.88 -5.41
CA ASP F 62 5.55 -42.84 -6.40
C ASP F 62 4.57 -43.79 -5.73
N LEU F 63 4.94 -44.30 -4.57
CA LEU F 63 4.08 -45.21 -3.82
C LEU F 63 2.81 -44.46 -3.41
N TRP F 64 2.99 -43.24 -2.94
CA TRP F 64 1.85 -42.42 -2.52
C TRP F 64 0.87 -42.24 -3.69
N GLU F 65 1.39 -41.85 -4.85
CA GLU F 65 0.53 -41.65 -6.03
C GLU F 65 -0.33 -42.88 -6.29
N ALA F 66 0.32 -44.02 -6.43
CA ALA F 66 -0.38 -45.27 -6.71
C ALA F 66 -1.47 -45.56 -5.68
N ARG F 67 -1.24 -45.10 -4.45
CA ARG F 67 -2.18 -45.30 -3.36
C ARG F 67 -3.40 -44.40 -3.51
N GLN F 68 -3.19 -43.24 -4.10
CA GLN F 68 -4.26 -42.27 -4.29
C GLN F 68 -5.33 -42.72 -5.25
N GLN F 69 -6.58 -42.47 -4.85
CA GLN F 69 -7.73 -42.83 -5.65
C GLN F 69 -7.54 -42.24 -7.04
N ASP F 70 -8.30 -42.74 -7.99
CA ASP F 70 -8.21 -42.25 -9.37
C ASP F 70 -8.57 -40.77 -9.47
N ASP F 71 -9.40 -40.29 -8.54
CA ASP F 71 -9.84 -38.90 -8.53
C ASP F 71 -9.48 -38.17 -7.23
N GLY F 72 -8.32 -38.48 -6.67
CA GLY F 72 -7.91 -37.84 -5.43
C GLY F 72 -7.16 -36.53 -5.59
N ASP F 73 -6.64 -36.02 -4.48
CA ASP F 73 -5.90 -34.76 -4.47
C ASP F 73 -4.65 -34.86 -3.59
N LEU F 74 -3.79 -33.84 -3.66
CA LEU F 74 -2.54 -33.83 -2.89
C LEU F 74 -2.76 -33.49 -1.42
N ASN F 75 -3.99 -33.65 -0.96
CA ASN F 75 -4.32 -33.34 0.43
C ASN F 75 -3.43 -33.96 1.49
N SER F 76 -3.47 -35.29 1.62
CA SER F 76 -2.67 -36.00 2.62
C SER F 76 -1.17 -35.72 2.54
N LEU F 77 -0.68 -35.39 1.35
CA LEU F 77 0.74 -35.08 1.19
C LEU F 77 1.01 -33.68 1.76
N ALA F 78 0.23 -32.70 1.32
CA ALA F 78 0.38 -31.32 1.80
C ALA F 78 0.24 -31.29 3.32
N SER F 79 -0.68 -32.10 3.82
CA SER F 79 -0.91 -32.18 5.26
C SER F 79 0.33 -32.73 5.97
N ALA F 80 1.03 -33.64 5.31
CA ALA F 80 2.23 -34.22 5.91
C ALA F 80 3.32 -33.15 5.98
N LEU F 81 3.47 -32.43 4.87
CA LEU F 81 4.47 -31.37 4.76
C LEU F 81 4.17 -30.24 5.75
N GLU F 82 2.89 -30.07 6.08
CA GLU F 82 2.48 -29.04 7.02
C GLU F 82 3.01 -29.33 8.41
N GLU F 83 2.81 -30.55 8.89
CA GLU F 83 3.29 -30.95 10.20
C GLU F 83 4.81 -30.99 10.25
N MSE F 84 5.43 -31.00 9.08
CA MSE F 84 6.88 -31.01 8.97
C MSE F 84 7.36 -29.55 8.86
O MSE F 84 8.56 -29.28 8.85
CB MSE F 84 7.31 -31.80 7.73
CG MSE F 84 7.04 -33.31 7.81
SE MSE F 84 7.45 -34.24 6.16
CE MSE F 84 9.38 -34.34 6.31
N GLY F 85 6.40 -28.63 8.79
CA GLY F 85 6.72 -27.22 8.69
C GLY F 85 7.34 -26.81 7.38
N LYS F 86 6.90 -27.45 6.30
CA LYS F 86 7.43 -27.16 4.96
C LYS F 86 6.52 -26.23 4.16
N SER F 87 6.31 -25.01 4.67
CA SER F 87 5.49 -24.03 3.97
C SER F 87 6.13 -23.74 2.63
N GLU F 88 7.45 -23.83 2.61
CA GLU F 88 8.24 -23.61 1.39
C GLU F 88 7.72 -24.52 0.28
N MSE F 89 7.16 -25.66 0.66
CA MSE F 89 6.61 -26.62 -0.30
C MSE F 89 5.12 -26.42 -0.50
O MSE F 89 4.59 -26.67 -1.59
CB MSE F 89 6.87 -28.04 0.18
CG MSE F 89 8.33 -28.45 0.19
SE MSE F 89 9.10 -28.45 -1.58
CE MSE F 89 10.15 -26.82 -1.45
N LEU F 90 4.44 -25.97 0.54
CA LEU F 90 3.00 -25.74 0.48
C LEU F 90 2.68 -24.47 -0.30
N VAL F 91 3.71 -23.88 -0.90
CA VAL F 91 3.55 -22.68 -1.70
C VAL F 91 3.80 -23.04 -3.16
N ALA F 92 4.86 -23.82 -3.40
CA ALA F 92 5.20 -24.25 -4.75
C ALA F 92 4.03 -25.06 -5.28
N MSE F 93 3.36 -25.78 -4.39
CA MSE F 93 2.20 -26.57 -4.75
C MSE F 93 1.05 -25.61 -5.04
O MSE F 93 0.30 -25.80 -6.00
CB MSE F 93 1.81 -27.52 -3.61
CG MSE F 93 2.75 -28.69 -3.40
SE MSE F 93 2.16 -29.88 -1.98
CE MSE F 93 2.99 -28.96 -0.51
N ALA F 94 0.93 -24.59 -4.20
CA ALA F 94 -0.12 -23.59 -4.37
C ALA F 94 0.04 -22.90 -5.72
N THR F 95 1.26 -22.44 -6.02
CA THR F 95 1.54 -21.77 -7.27
C THR F 95 1.37 -22.73 -8.45
S SO3 G . -11.72 -8.14 23.14
O1 SO3 G . -13.04 -8.57 22.62
O2 SO3 G . -11.58 -6.68 23.02
O3 SO3 G . -11.50 -8.58 24.53
S SO3 H . 12.87 33.87 -8.69
O1 SO3 H . 14.32 34.18 -8.81
O2 SO3 H . 12.07 35.08 -8.94
O3 SO3 H . 12.46 32.77 -9.59
S SO3 I . -2.96 48.59 -9.54
O1 SO3 I . -4.43 48.47 -9.52
O2 SO3 I . -2.52 49.55 -8.52
O3 SO3 I . -2.28 47.28 -9.36
S SO4 J . -9.80 40.46 -3.14
O1 SO4 J . -10.62 39.08 -2.85
O2 SO4 J . -9.98 41.24 -1.93
O3 SO4 J . -8.55 40.21 -3.40
O4 SO4 J . -10.56 41.06 -4.22
S SO3 K . -16.41 70.27 13.33
O1 SO3 K . -16.10 69.13 14.20
O2 SO3 K . -15.27 70.57 12.44
O3 SO3 K . -17.65 70.03 12.53
S SO3 L . -9.41 72.24 13.72
O1 SO3 L . -7.94 72.25 13.59
O2 SO3 L . -10.00 73.43 13.11
O3 SO3 L . -10.01 71.00 13.16
S SO3 M . -3.81 -53.83 0.82
O1 SO3 M . -3.55 -54.03 2.26
O2 SO3 M . -2.80 -52.92 0.25
O3 SO3 M . -3.84 -55.12 0.09
S SO3 N . 22.28 -67.44 -2.61
O1 SO3 N . 21.43 -67.98 -3.69
O2 SO3 N . 23.70 -67.78 -2.84
O3 SO3 N . 22.14 -65.97 -2.47
S SO4 O . 5.61 -59.97 7.01
O1 SO4 O . 6.59 -61.13 7.58
O2 SO4 O . 4.46 -59.97 7.91
O3 SO4 O . 6.22 -58.84 6.99
O4 SO4 O . 5.21 -60.49 5.73
S SO4 P . -3.46 -41.37 1.72
O1 SO4 P . -3.60 -42.17 3.12
O2 SO4 P . -3.46 -42.40 0.69
O3 SO4 P . -4.44 -40.51 1.57
O4 SO4 P . -2.14 -40.80 1.80
#